data_6RP3
#
_entry.id   6RP3
#
_cell.length_a   62.256
_cell.length_b   62.256
_cell.length_c   73.579
_cell.angle_alpha   90.000
_cell.angle_beta   90.000
_cell.angle_gamma   120.000
#
_symmetry.space_group_name_H-M   'P 32 2 1'
#
loop_
_entity.id
_entity.type
_entity.pdbx_description
1 polymer 'S-norcoclaurine synthase'
2 non-polymer 4-[2-[[(2~{R})-2-phenylpropyl]amino]ethyl]benzene-1,2-diol
3 non-polymer 1,2-ETHANEDIOL
4 water water
#
_entity_poly.entity_id   1
_entity_poly.type   'polypeptide(L)'
_entity_poly.pdbx_seq_one_letter_code
;SMGIINQVSTVTKVIHHELEVAASADDIWTVYSWPGLAKHLPDLLPGAFEKLEIIGDGGVGTILDMTFVPGEFPHEYKEK
FILVDNEHRLKKVQMIEGGYLDLGVTYYMDTIHVVPTGKDSCVIKSSTEYHVKPEFVKIVEPLITTGPLAAMADAISKLV
LEHKS
;
_entity_poly.pdbx_strand_id   A
#
# COMPACT_ATOMS: atom_id res chain seq x y z
N ASN A 6 26.51 -11.96 19.83
CA ASN A 6 26.07 -11.43 18.52
C ASN A 6 24.69 -10.75 18.68
N GLN A 7 23.84 -10.85 17.66
CA GLN A 7 22.41 -10.50 17.66
C GLN A 7 21.68 -11.67 17.06
N VAL A 8 20.43 -11.90 17.47
CA VAL A 8 19.58 -12.92 16.80
C VAL A 8 19.15 -12.37 15.45
N SER A 9 19.02 -13.20 14.41
CA SER A 9 18.57 -12.70 13.08
C SER A 9 17.21 -11.98 13.20
N THR A 10 17.01 -10.93 12.41
CA THR A 10 15.63 -10.40 12.23
CA THR A 10 15.70 -10.35 12.14
C THR A 10 14.90 -11.43 11.38
N VAL A 11 13.58 -11.45 11.47
CA VAL A 11 12.74 -12.37 10.69
C VAL A 11 12.09 -11.58 9.55
N THR A 12 12.00 -12.17 8.38
CA THR A 12 11.34 -11.53 7.21
C THR A 12 10.02 -12.24 6.98
N LYS A 13 8.95 -11.48 6.70
CA LYS A 13 7.62 -12.02 6.42
C LYS A 13 7.13 -11.32 5.16
N VAL A 14 6.41 -12.06 4.34
CA VAL A 14 5.79 -11.48 3.13
C VAL A 14 4.35 -11.92 3.15
N ILE A 15 3.47 -11.01 2.82
CA ILE A 15 2.05 -11.36 2.57
C ILE A 15 1.67 -10.84 1.18
N HIS A 16 0.65 -11.43 0.60
CA HIS A 16 0.37 -11.22 -0.85
C HIS A 16 -1.14 -11.20 -1.04
N HIS A 17 -1.63 -10.38 -1.96
CA HIS A 17 -3.07 -10.25 -2.28
C HIS A 17 -3.19 -10.01 -3.79
N GLU A 18 -4.18 -10.61 -4.43
CA GLU A 18 -4.43 -10.33 -5.86
C GLU A 18 -5.90 -9.95 -6.08
N LEU A 19 -6.15 -9.09 -7.05
CA LEU A 19 -7.52 -8.79 -7.52
C LEU A 19 -7.49 -8.75 -9.05
N GLU A 20 -8.31 -9.60 -9.66
CA GLU A 20 -8.47 -9.63 -11.13
C GLU A 20 -9.42 -8.49 -11.45
N VAL A 21 -9.20 -7.78 -12.55
CA VAL A 21 -9.94 -6.56 -12.96
C VAL A 21 -10.17 -6.57 -14.48
N ALA A 22 -11.40 -6.34 -14.93
CA ALA A 22 -11.80 -6.41 -16.36
C ALA A 22 -11.42 -5.08 -17.05
N ALA A 23 -10.22 -4.56 -16.77
CA ALA A 23 -9.67 -3.36 -17.42
C ALA A 23 -8.19 -3.58 -17.73
N SER A 24 -7.70 -2.76 -18.66
CA SER A 24 -6.28 -2.81 -19.09
C SER A 24 -5.38 -2.54 -17.89
N ALA A 25 -4.26 -3.27 -17.87
CA ALA A 25 -3.14 -3.01 -16.95
C ALA A 25 -2.78 -1.52 -17.04
N ASP A 26 -2.75 -0.95 -18.25
CA ASP A 26 -2.41 0.49 -18.41
C ASP A 26 -3.43 1.40 -17.71
N ASP A 27 -4.73 1.11 -17.81
CA ASP A 27 -5.76 1.97 -17.17
C ASP A 27 -5.61 1.90 -15.64
N ILE A 28 -5.39 0.70 -15.12
CA ILE A 28 -5.26 0.54 -13.65
C ILE A 28 -3.92 1.17 -13.19
N TRP A 29 -2.82 0.91 -13.92
CA TRP A 29 -1.50 1.45 -13.59
C TRP A 29 -1.57 2.98 -13.52
N THR A 30 -2.26 3.58 -14.50
CA THR A 30 -2.46 5.04 -14.63
C THR A 30 -3.05 5.65 -13.36
N VAL A 31 -3.99 4.97 -12.71
CA VAL A 31 -4.54 5.53 -11.45
C VAL A 31 -3.54 5.32 -10.28
N TYR A 32 -3.01 4.10 -10.10
CA TYR A 32 -2.07 3.83 -9.00
C TYR A 32 -0.91 4.84 -9.04
N SER A 33 -0.41 5.20 -10.22
CA SER A 33 0.79 6.04 -10.38
C SER A 33 0.45 7.51 -10.55
N TRP A 34 -0.84 7.84 -10.52
CA TRP A 34 -1.30 9.24 -10.70
C TRP A 34 -0.84 10.07 -9.51
N PRO A 35 -0.04 11.14 -9.68
CA PRO A 35 0.38 11.96 -8.54
C PRO A 35 -0.81 12.63 -7.84
N GLY A 36 -1.97 12.67 -8.49
CA GLY A 36 -3.21 13.22 -7.91
C GLY A 36 -3.92 12.26 -6.99
N LEU A 37 -3.54 10.99 -6.94
CA LEU A 37 -4.28 9.99 -6.14
C LEU A 37 -4.19 10.33 -4.65
N ALA A 38 -3.01 10.69 -4.13
CA ALA A 38 -2.77 10.85 -2.68
C ALA A 38 -3.90 11.70 -2.07
N LYS A 39 -4.04 12.92 -2.60
CA LYS A 39 -5.06 13.89 -2.12
C LYS A 39 -6.44 13.22 -2.11
N HIS A 40 -6.73 12.34 -3.07
CA HIS A 40 -8.10 11.75 -3.28
C HIS A 40 -8.32 10.55 -2.33
N LEU A 41 -7.33 10.13 -1.54
CA LEU A 41 -7.39 8.84 -0.79
C LEU A 41 -8.67 8.76 0.05
N PRO A 42 -9.09 9.83 0.75
CA PRO A 42 -10.32 9.78 1.53
C PRO A 42 -11.57 9.77 0.63
N ASP A 43 -11.45 10.19 -0.62
CA ASP A 43 -12.54 10.01 -1.61
C ASP A 43 -12.60 8.53 -1.99
N LEU A 44 -11.47 7.82 -1.92
CA LEU A 44 -11.44 6.39 -2.32
C LEU A 44 -11.75 5.50 -1.12
N LEU A 45 -11.36 5.92 0.10
CA LEU A 45 -11.68 5.23 1.37
C LEU A 45 -12.69 6.07 2.16
N PRO A 46 -13.94 5.58 2.32
CA PRO A 46 -15.04 6.41 2.80
C PRO A 46 -14.64 7.22 4.03
N GLY A 47 -14.32 6.54 5.13
CA GLY A 47 -13.70 7.09 6.34
C GLY A 47 -12.27 6.60 6.46
N ALA A 48 -11.96 5.95 7.58
CA ALA A 48 -10.60 5.45 7.95
C ALA A 48 -9.71 6.61 8.41
N PHE A 49 -9.69 7.73 7.67
CA PHE A 49 -8.87 8.92 7.96
C PHE A 49 -9.57 9.88 8.92
N GLU A 50 -9.00 10.03 10.11
CA GLU A 50 -9.22 11.19 11.01
C GLU A 50 -8.46 12.37 10.41
N LYS A 51 -7.26 12.12 9.86
CA LYS A 51 -6.34 13.17 9.35
C LYS A 51 -5.46 12.59 8.25
N LEU A 52 -5.20 13.40 7.21
CA LEU A 52 -4.25 13.06 6.11
C LEU A 52 -3.52 14.34 5.69
N GLU A 53 -2.21 14.41 5.94
CA GLU A 53 -1.31 15.48 5.46
C GLU A 53 -0.43 14.91 4.36
N ILE A 54 -0.31 15.62 3.24
CA ILE A 54 0.52 15.21 2.08
C ILE A 54 1.70 16.17 2.01
N ILE A 55 2.92 15.68 2.07
CA ILE A 55 4.15 16.52 1.96
C ILE A 55 4.83 16.14 0.65
N GLY A 56 4.80 17.05 -0.31
CA GLY A 56 5.29 16.78 -1.67
C GLY A 56 4.15 16.85 -2.67
N ASP A 57 4.43 16.64 -3.97
CA ASP A 57 3.48 16.95 -5.06
C ASP A 57 2.58 15.75 -5.40
N GLY A 58 2.66 14.64 -4.66
CA GLY A 58 1.88 13.41 -4.98
C GLY A 58 2.70 12.38 -5.75
N GLY A 59 3.80 12.83 -6.36
CA GLY A 59 4.65 11.97 -7.17
C GLY A 59 5.60 11.21 -6.27
N VAL A 60 6.45 10.43 -6.90
CA VAL A 60 7.50 9.73 -6.13
C VAL A 60 8.25 10.69 -5.20
N GLY A 61 8.49 10.23 -3.96
CA GLY A 61 9.14 11.02 -2.89
C GLY A 61 8.17 11.69 -1.96
N THR A 62 6.90 11.65 -2.28
CA THR A 62 5.82 12.24 -1.46
C THR A 62 5.71 11.44 -0.15
N ILE A 63 5.62 12.15 0.98
CA ILE A 63 5.31 11.58 2.33
C ILE A 63 3.85 11.85 2.69
N LEU A 64 3.13 10.79 3.13
CA LEU A 64 1.73 10.86 3.57
C LEU A 64 1.76 10.63 5.06
N ASP A 65 1.17 11.51 5.83
CA ASP A 65 1.09 11.36 7.29
C ASP A 65 -0.40 11.18 7.62
N MET A 66 -0.73 10.03 8.21
CA MET A 66 -2.10 9.51 8.30
C MET A 66 -2.39 9.22 9.78
N THR A 67 -3.49 9.78 10.27
CA THR A 67 -4.07 9.41 11.58
C THR A 67 -5.40 8.70 11.35
N PHE A 68 -5.58 7.59 12.06
CA PHE A 68 -6.75 6.69 11.90
C PHE A 68 -7.73 6.98 13.06
N VAL A 69 -9.02 6.97 12.73
CA VAL A 69 -10.15 7.04 13.72
C VAL A 69 -9.80 6.14 14.89
N PRO A 70 -10.37 6.40 16.10
CA PRO A 70 -10.16 5.54 17.27
C PRO A 70 -10.45 4.05 17.05
N GLY A 71 -9.68 3.18 17.74
CA GLY A 71 -9.74 1.70 17.68
C GLY A 71 -8.74 1.15 16.68
N GLU A 72 -8.96 1.44 15.40
CA GLU A 72 -8.04 1.16 14.27
C GLU A 72 -6.58 1.15 14.74
N PHE A 73 -5.92 -0.03 14.76
CA PHE A 73 -4.45 -0.22 14.87
C PHE A 73 -3.87 -0.41 13.47
N PRO A 74 -2.76 0.27 13.14
CA PRO A 74 -2.22 1.35 13.96
C PRO A 74 -3.15 2.58 13.90
N HIS A 75 -2.87 3.57 14.75
CA HIS A 75 -3.59 4.86 14.89
C HIS A 75 -2.95 5.90 13.94
N GLU A 76 -1.61 5.92 13.89
CA GLU A 76 -0.81 6.97 13.19
C GLU A 76 0.34 6.26 12.47
N TYR A 77 0.68 6.67 11.25
CA TYR A 77 2.02 6.38 10.67
C TYR A 77 2.24 7.29 9.46
N LYS A 78 3.48 7.42 9.05
CA LYS A 78 3.88 8.13 7.80
C LYS A 78 4.35 7.07 6.81
N GLU A 79 4.07 7.29 5.56
CA GLU A 79 4.36 6.39 4.43
C GLU A 79 5.08 7.27 3.39
N LYS A 80 5.94 6.70 2.58
CA LYS A 80 6.66 7.45 1.50
C LYS A 80 6.59 6.66 0.20
N PHE A 81 6.27 7.36 -0.90
CA PHE A 81 6.27 6.77 -2.26
CA PHE A 81 6.26 6.84 -2.28
C PHE A 81 7.73 6.72 -2.72
N ILE A 82 8.28 5.53 -2.85
CA ILE A 82 9.77 5.39 -3.03
C ILE A 82 10.10 4.91 -4.46
N LEU A 83 9.18 4.34 -5.25
CA LEU A 83 9.49 3.90 -6.62
C LEU A 83 8.26 3.97 -7.48
N VAL A 84 8.38 4.46 -8.71
CA VAL A 84 7.38 4.27 -9.77
C VAL A 84 8.09 3.77 -11.03
N ASP A 85 7.69 2.62 -11.57
CA ASP A 85 8.35 1.97 -12.71
C ASP A 85 7.30 1.73 -13.78
N ASN A 86 7.16 2.62 -14.78
CA ASN A 86 6.09 2.46 -15.79
C ASN A 86 6.30 1.22 -16.62
N GLU A 87 7.54 0.85 -16.91
CA GLU A 87 7.85 -0.30 -17.81
C GLU A 87 7.28 -1.58 -17.20
N HIS A 88 7.35 -1.75 -15.89
CA HIS A 88 6.85 -2.97 -15.19
C HIS A 88 5.48 -2.75 -14.53
N ARG A 89 5.01 -1.51 -14.49
CA ARG A 89 3.80 -1.08 -13.76
C ARG A 89 3.95 -1.50 -12.30
N LEU A 90 4.97 -1.00 -11.66
CA LEU A 90 5.38 -1.41 -10.32
C LEU A 90 5.49 -0.15 -9.49
N LYS A 91 4.85 -0.14 -8.35
CA LYS A 91 5.02 0.98 -7.39
C LYS A 91 5.36 0.45 -6.00
N LYS A 92 6.20 1.19 -5.28
CA LYS A 92 6.60 0.80 -3.89
C LYS A 92 6.32 1.97 -2.98
N VAL A 93 5.75 1.62 -1.84
CA VAL A 93 5.43 2.57 -0.77
C VAL A 93 5.94 2.00 0.58
N GLN A 94 6.73 2.78 1.29
CA GLN A 94 7.41 2.34 2.53
C GLN A 94 6.68 3.01 3.69
N MET A 95 6.51 2.26 4.77
CA MET A 95 6.07 2.89 6.05
C MET A 95 7.34 3.39 6.70
N ILE A 96 7.42 4.68 6.98
CA ILE A 96 8.71 5.29 7.38
C ILE A 96 8.73 5.73 8.84
N GLU A 97 7.59 5.89 9.50
CA GLU A 97 7.59 6.30 10.93
C GLU A 97 6.26 5.86 11.55
N GLY A 98 6.27 5.52 12.84
CA GLY A 98 5.05 5.11 13.55
C GLY A 98 4.56 3.74 13.11
N GLY A 99 3.29 3.47 13.40
CA GLY A 99 2.62 2.26 12.99
C GLY A 99 3.38 1.06 13.53
N TYR A 100 3.57 0.05 12.69
CA TYR A 100 4.19 -1.24 13.09
C TYR A 100 5.66 -1.01 13.44
N LEU A 101 6.27 0.11 13.05
CA LEU A 101 7.67 0.38 13.40
C LEU A 101 7.79 0.58 14.90
N ASP A 102 6.68 0.86 15.61
CA ASP A 102 6.71 0.96 17.10
C ASP A 102 6.53 -0.43 17.75
N LEU A 103 6.34 -1.51 17.02
CA LEU A 103 6.14 -2.89 17.57
C LEU A 103 7.24 -3.87 17.09
N GLY A 104 8.48 -3.40 16.90
CA GLY A 104 9.65 -4.28 16.65
C GLY A 104 9.86 -4.57 15.17
N VAL A 105 9.09 -3.91 14.33
CA VAL A 105 9.24 -4.03 12.87
C VAL A 105 10.29 -2.99 12.45
N THR A 106 11.27 -3.39 11.68
CA THR A 106 12.43 -2.52 11.33
C THR A 106 12.37 -2.06 9.87
N TYR A 107 11.44 -2.63 9.13
CA TYR A 107 11.32 -2.38 7.68
C TYR A 107 9.95 -2.86 7.26
N TYR A 108 9.21 -2.03 6.50
CA TYR A 108 7.85 -2.35 6.06
C TYR A 108 7.60 -1.70 4.69
N MET A 109 7.49 -2.54 3.69
CA MET A 109 7.46 -2.07 2.28
C MET A 109 6.27 -2.73 1.57
N ASP A 110 5.41 -1.90 0.96
CA ASP A 110 4.30 -2.36 0.10
C ASP A 110 4.73 -2.21 -1.35
N THR A 111 4.42 -3.19 -2.16
CA THR A 111 4.67 -3.24 -3.61
C THR A 111 3.35 -3.51 -4.31
N ILE A 112 3.05 -2.76 -5.34
CA ILE A 112 1.87 -3.02 -6.20
C ILE A 112 2.43 -3.23 -7.60
N HIS A 113 2.01 -4.31 -8.23
CA HIS A 113 2.45 -4.71 -9.59
C HIS A 113 1.21 -5.03 -10.43
N VAL A 114 0.93 -4.22 -11.44
CA VAL A 114 -0.30 -4.35 -12.24
C VAL A 114 0.07 -5.13 -13.48
N VAL A 115 -0.46 -6.34 -13.62
CA VAL A 115 0.02 -7.36 -14.60
C VAL A 115 -1.10 -7.67 -15.60
N PRO A 116 -0.83 -7.50 -16.91
CA PRO A 116 -1.87 -7.70 -17.94
C PRO A 116 -2.29 -9.16 -17.97
N THR A 117 -3.58 -9.44 -18.13
CA THR A 117 -4.12 -10.84 -18.23
C THR A 117 -4.78 -11.02 -19.61
N GLY A 118 -4.67 -10.01 -20.46
CA GLY A 118 -5.28 -9.97 -21.81
C GLY A 118 -5.16 -8.55 -22.29
N LYS A 119 -5.55 -8.30 -23.54
CA LYS A 119 -5.69 -6.93 -24.11
C LYS A 119 -6.41 -6.00 -23.12
N ASP A 120 -7.51 -6.44 -22.48
CA ASP A 120 -8.42 -5.58 -21.67
C ASP A 120 -8.66 -6.16 -20.27
N SER A 121 -7.68 -6.88 -19.74
CA SER A 121 -7.86 -7.40 -18.37
C SER A 121 -6.52 -7.29 -17.66
N CYS A 122 -6.56 -7.22 -16.34
CA CYS A 122 -5.29 -7.30 -15.57
C CYS A 122 -5.49 -7.90 -14.18
N VAL A 123 -4.36 -8.12 -13.50
CA VAL A 123 -4.41 -8.54 -12.09
C VAL A 123 -3.53 -7.56 -11.29
N ILE A 124 -4.09 -6.98 -10.23
CA ILE A 124 -3.35 -6.16 -9.24
C ILE A 124 -2.69 -7.09 -8.22
N LYS A 125 -1.39 -7.23 -8.29
CA LYS A 125 -0.59 -8.05 -7.34
C LYS A 125 -0.04 -7.08 -6.30
N SER A 126 -0.51 -7.23 -5.08
CA SER A 126 -0.11 -6.38 -3.95
C SER A 126 0.65 -7.25 -2.94
N SER A 127 1.73 -6.74 -2.43
CA SER A 127 2.49 -7.48 -1.39
CA SER A 127 2.58 -7.47 -1.44
C SER A 127 3.01 -6.52 -0.32
N THR A 128 3.25 -7.09 0.84
CA THR A 128 3.91 -6.36 1.93
C THR A 128 5.04 -7.28 2.39
N GLU A 129 6.21 -6.68 2.54
CA GLU A 129 7.40 -7.38 3.05
C GLU A 129 7.81 -6.62 4.30
N TYR A 130 8.00 -7.31 5.41
CA TYR A 130 8.52 -6.66 6.61
C TYR A 130 9.62 -7.54 7.25
N HIS A 131 10.50 -6.84 7.96
CA HIS A 131 11.58 -7.39 8.81
C HIS A 131 11.20 -7.08 10.26
N VAL A 132 11.24 -8.08 11.12
CA VAL A 132 10.77 -7.88 12.51
C VAL A 132 11.73 -8.60 13.46
N LYS A 133 12.00 -7.95 14.61
CA LYS A 133 12.73 -8.55 15.74
C LYS A 133 12.04 -9.85 16.12
N PRO A 134 12.81 -10.95 16.35
CA PRO A 134 12.21 -12.26 16.55
C PRO A 134 11.25 -12.32 17.75
N GLU A 135 11.56 -11.64 18.84
CA GLU A 135 10.65 -11.68 20.03
C GLU A 135 9.32 -10.96 19.73
N PHE A 136 9.20 -10.21 18.62
CA PHE A 136 7.94 -9.50 18.30
C PHE A 136 7.15 -10.21 17.20
N VAL A 137 7.64 -11.34 16.67
CA VAL A 137 6.96 -12.01 15.51
C VAL A 137 5.51 -12.34 15.85
N LYS A 138 5.24 -13.00 16.96
CA LYS A 138 3.88 -13.49 17.29
C LYS A 138 2.97 -12.29 17.60
N ILE A 139 3.55 -11.20 18.11
CA ILE A 139 2.77 -9.98 18.41
C ILE A 139 2.29 -9.35 17.10
N VAL A 140 3.15 -9.15 16.15
CA VAL A 140 2.77 -8.41 14.91
C VAL A 140 2.15 -9.30 13.86
N GLU A 141 2.51 -10.59 13.81
CA GLU A 141 1.98 -11.54 12.80
C GLU A 141 0.48 -11.31 12.56
N PRO A 142 -0.41 -11.35 13.59
CA PRO A 142 -1.82 -11.13 13.32
C PRO A 142 -2.24 -9.70 12.99
N LEU A 143 -1.41 -8.69 13.22
CA LEU A 143 -1.82 -7.28 13.04
C LEU A 143 -1.59 -6.90 11.58
N ILE A 144 -0.59 -7.48 10.96
CA ILE A 144 -0.17 -7.05 9.57
C ILE A 144 -0.88 -7.99 8.60
N THR A 145 -1.86 -7.47 7.90
CA THR A 145 -2.73 -8.23 6.96
C THR A 145 -2.72 -7.51 5.60
N THR A 146 -3.34 -8.16 4.62
CA THR A 146 -3.57 -7.66 3.23
C THR A 146 -4.76 -6.68 3.20
N GLY A 147 -5.42 -6.41 4.33
CA GLY A 147 -6.62 -5.55 4.41
C GLY A 147 -6.45 -4.26 3.64
N PRO A 148 -5.45 -3.43 4.02
CA PRO A 148 -5.18 -2.16 3.35
C PRO A 148 -4.85 -2.23 1.86
N LEU A 149 -4.09 -3.25 1.43
CA LEU A 149 -3.77 -3.42 -0.02
C LEU A 149 -5.08 -3.77 -0.76
N ALA A 150 -5.90 -4.62 -0.16
CA ALA A 150 -7.12 -5.13 -0.80
C ALA A 150 -8.08 -3.95 -0.92
N ALA A 151 -8.08 -3.07 0.08
CA ALA A 151 -9.02 -1.93 0.12
C ALA A 151 -8.59 -0.97 -1.00
N MET A 152 -7.29 -0.85 -1.25
CA MET A 152 -6.76 0.09 -2.25
C MET A 152 -7.16 -0.42 -3.65
N ALA A 153 -6.98 -1.72 -3.85
CA ALA A 153 -7.21 -2.41 -5.14
C ALA A 153 -8.72 -2.43 -5.44
N ASP A 154 -9.53 -2.62 -4.40
CA ASP A 154 -11.02 -2.59 -4.46
C ASP A 154 -11.48 -1.20 -4.91
N ALA A 155 -10.97 -0.15 -4.28
CA ALA A 155 -11.39 1.23 -4.60
C ALA A 155 -10.91 1.56 -6.03
N ILE A 156 -9.66 1.25 -6.40
CA ILE A 156 -9.13 1.66 -7.73
C ILE A 156 -9.86 0.87 -8.83
N SER A 157 -10.01 -0.43 -8.66
CA SER A 157 -10.81 -1.33 -9.52
C SER A 157 -12.19 -0.68 -9.77
N LYS A 158 -12.92 -0.34 -8.71
CA LYS A 158 -14.28 0.21 -8.88
C LYS A 158 -14.22 1.52 -9.67
N LEU A 159 -13.34 2.44 -9.30
CA LEU A 159 -13.15 3.73 -9.99
C LEU A 159 -12.98 3.53 -11.50
N VAL A 160 -12.04 2.65 -11.88
CA VAL A 160 -11.71 2.47 -13.33
C VAL A 160 -12.87 1.81 -14.08
N LEU A 161 -13.46 0.73 -13.54
CA LEU A 161 -14.59 0.02 -14.23
C LEU A 161 -15.77 0.98 -14.45
N GLU A 162 -15.99 1.90 -13.50
CA GLU A 162 -17.09 2.91 -13.55
C GLU A 162 -16.72 4.01 -14.54
N HIS A 163 -15.49 4.53 -14.47
CA HIS A 163 -15.02 5.54 -15.46
C HIS A 163 -15.20 4.98 -16.87
N LYS A 164 -15.32 3.66 -17.06
CA LYS A 164 -15.50 3.13 -18.44
C LYS A 164 -16.74 2.24 -18.69
N SER A 165 -17.79 2.22 -17.85
CA SER A 165 -19.04 1.43 -18.08
C SER A 165 -20.05 2.24 -18.89
#